data_2R6R
#
_entry.id   2R6R
#
_cell.length_a   43.644
_cell.length_b   73.944
_cell.length_c   43.813
_cell.angle_alpha   90.00
_cell.angle_beta   95.08
_cell.angle_gamma   90.00
#
_symmetry.space_group_name_H-M   'P 1 21 1'
#
loop_
_entity.id
_entity.type
_entity.pdbx_description
1 polymer 'Cell division protein ftsZ'
2 non-polymer "GUANOSINE-5'-DIPHOSPHATE"
3 water water
#
_entity_poly.entity_id   1
_entity_poly.type   'polypeptide(L)'
_entity_poly.pdbx_seq_one_letter_code
;MEEFVNPCKIKVIGVGGGGSNAVNRMYEDGIEGVELYAINTDVQHLSTLKVPNKIQIGEKVTRGLGAGAKPEVGEEAALE
DIDKIKEILRDTDMVFISAGLGGGTGTGAAPVIAKTAKEMGILTVAVATLPFRFEGPRKMEKALKGLEKLKESSDAYIVI
HNDKIKELSNRTLTIKDAFKEVDSVLSKAVRGITSIVVTPAVINVDFADVRTTLEEGGLSIIGMGEGRGDEKADIAVEKA
VTSPLLEGNTIEGARRLLVTIWTSEDIPYDIVDEVMERIHSKVHPEAEIIFGAVLEPQEQDFIRVAIVATDFPEEKFQVG
EKEVKFKVIKKLHHHHHH
;
_entity_poly.pdbx_strand_id   1
#
loop_
_chem_comp.id
_chem_comp.type
_chem_comp.name
_chem_comp.formula
GDP RNA linking GUANOSINE-5'-DIPHOSPHATE 'C10 H15 N5 O11 P2'
#
# COMPACT_ATOMS: atom_id res chain seq x y z
N CYS A 8 9.04 -7.50 16.02
CA CYS A 8 9.21 -8.00 14.62
C CYS A 8 9.80 -6.91 13.73
N LYS A 9 10.38 -7.34 12.61
CA LYS A 9 11.17 -6.46 11.78
C LYS A 9 10.42 -6.13 10.49
N ILE A 10 9.93 -4.89 10.42
CA ILE A 10 9.22 -4.44 9.23
C ILE A 10 10.06 -3.36 8.52
N LYS A 11 10.12 -3.48 7.20
CA LYS A 11 10.77 -2.49 6.38
C LYS A 11 9.79 -1.99 5.35
N VAL A 12 9.91 -0.71 5.02
CA VAL A 12 9.13 -0.14 3.92
C VAL A 12 10.13 0.39 2.89
N ILE A 13 9.96 -0.02 1.64
CA ILE A 13 10.91 0.36 0.57
C ILE A 13 10.14 1.10 -0.53
N GLY A 14 10.46 2.37 -0.71
CA GLY A 14 9.91 3.17 -1.81
C GLY A 14 10.74 2.90 -3.06
N VAL A 15 10.09 2.58 -4.17
CA VAL A 15 10.84 2.28 -5.39
C VAL A 15 10.49 3.30 -6.49
N GLY A 16 11.49 4.07 -6.96
CA GLY A 16 11.25 5.14 -7.93
C GLY A 16 10.77 6.41 -7.24
N GLY A 17 10.44 7.43 -8.04
CA GLY A 17 10.16 8.76 -7.49
C GLY A 17 8.88 8.77 -6.68
N GLY A 18 7.82 8.20 -7.26
CA GLY A 18 6.52 8.20 -6.58
C GLY A 18 6.59 7.41 -5.29
N GLY A 19 7.15 6.19 -5.36
CA GLY A 19 7.28 5.30 -4.19
C GLY A 19 8.12 5.96 -3.09
N SER A 20 9.20 6.61 -3.51
CA SER A 20 10.12 7.33 -2.61
C SER A 20 9.35 8.45 -1.94
N ASN A 21 8.58 9.20 -2.73
CA ASN A 21 7.80 10.30 -2.17
C ASN A 21 6.79 9.82 -1.14
N ALA A 22 6.17 8.66 -1.38
CA ALA A 22 5.19 8.11 -0.43
C ALA A 22 5.88 7.72 0.88
N VAL A 23 7.04 7.08 0.75
CA VAL A 23 7.76 6.66 1.94
C VAL A 23 8.28 7.87 2.72
N ASN A 24 8.74 8.88 1.98
CA ASN A 24 9.08 10.17 2.56
C ASN A 24 7.93 10.74 3.37
N ARG A 25 6.72 10.62 2.85
CA ARG A 25 5.57 11.11 3.61
C ARG A 25 5.35 10.28 4.86
N MET A 26 5.52 8.97 4.75
CA MET A 26 5.36 8.12 5.94
C MET A 26 6.34 8.54 7.05
N TYR A 27 7.57 8.87 6.65
CA TYR A 27 8.58 9.35 7.58
C TYR A 27 8.10 10.64 8.25
N GLU A 28 7.64 11.58 7.43
CA GLU A 28 7.13 12.87 7.93
C GLU A 28 5.93 12.68 8.85
N ASP A 29 5.05 11.74 8.49
CA ASP A 29 3.88 11.42 9.31
C ASP A 29 4.19 10.71 10.63
N GLY A 30 5.48 10.38 10.82
CA GLY A 30 5.95 9.82 12.09
C GLY A 30 5.77 8.34 12.29
N ILE A 31 5.85 7.58 11.19
CA ILE A 31 5.79 6.12 11.30
C ILE A 31 6.91 5.65 12.25
N GLU A 32 6.53 4.83 13.23
CA GLU A 32 7.48 4.34 14.23
C GLU A 32 7.66 2.84 14.14
N GLY A 33 8.82 2.36 14.58
CA GLY A 33 9.08 0.94 14.72
C GLY A 33 9.31 0.21 13.41
N VAL A 34 9.60 0.96 12.34
CA VAL A 34 9.87 0.37 11.04
C VAL A 34 11.10 1.05 10.43
N GLU A 35 11.84 0.34 9.59
CA GLU A 35 12.98 0.94 8.89
C GLU A 35 12.55 1.32 7.48
N LEU A 36 12.89 2.54 7.08
CA LEU A 36 12.43 3.11 5.82
C LEU A 36 13.56 3.20 4.81
N TYR A 37 13.27 2.85 3.55
CA TYR A 37 14.27 2.91 2.48
C TYR A 37 13.68 3.55 1.26
N ALA A 38 14.51 4.26 0.52
CA ALA A 38 14.12 4.77 -0.81
C ALA A 38 15.15 4.21 -1.78
N ILE A 39 14.65 3.57 -2.83
CA ILE A 39 15.48 2.99 -3.86
C ILE A 39 15.20 3.68 -5.20
N ASN A 40 16.22 4.17 -5.88
CA ASN A 40 15.97 4.84 -7.17
C ASN A 40 17.17 4.70 -8.08
N THR A 41 16.92 4.82 -9.39
CA THR A 41 17.97 4.98 -10.40
C THR A 41 18.34 6.46 -10.59
N ASP A 42 17.52 7.36 -10.03
CA ASP A 42 17.65 8.80 -10.16
C ASP A 42 18.30 9.29 -8.86
N VAL A 43 19.62 9.49 -8.93
CA VAL A 43 20.41 9.91 -7.79
C VAL A 43 20.03 11.31 -7.30
N GLN A 44 19.69 12.21 -8.23
CA GLN A 44 19.27 13.55 -7.83
C GLN A 44 18.01 13.49 -6.96
N HIS A 45 17.03 12.68 -7.36
CA HIS A 45 15.80 12.57 -6.57
C HIS A 45 16.08 12.05 -5.16
N LEU A 46 16.95 11.05 -5.05
CA LEU A 46 17.30 10.51 -3.75
C LEU A 46 17.84 11.60 -2.83
N SER A 47 18.63 12.51 -3.41
CA SER A 47 19.33 13.57 -2.64
C SER A 47 18.35 14.52 -1.95
N THR A 48 17.12 14.60 -2.47
CA THR A 48 16.06 15.48 -1.96
C THR A 48 15.26 14.94 -0.80
N LEU A 49 15.45 13.67 -0.48
CA LEU A 49 14.56 12.98 0.46
C LEU A 49 15.03 13.08 1.90
N LYS A 50 14.09 13.00 2.83
CA LYS A 50 14.39 12.94 4.26
C LYS A 50 14.51 11.48 4.77
N VAL A 51 14.07 10.53 3.93
CA VAL A 51 14.12 9.11 4.26
C VAL A 51 15.55 8.74 4.68
N PRO A 52 15.71 8.14 5.89
CA PRO A 52 16.99 7.75 6.47
C PRO A 52 17.94 6.91 5.58
N ASN A 53 17.39 5.94 4.85
CA ASN A 53 18.20 5.03 4.05
C ASN A 53 17.93 5.26 2.54
N LYS A 54 18.90 5.82 1.83
CA LYS A 54 18.78 6.10 0.39
C LYS A 54 19.71 5.15 -0.36
N ILE A 55 19.17 4.43 -1.33
CA ILE A 55 19.93 3.39 -2.02
C ILE A 55 19.78 3.54 -3.53
N GLN A 56 20.90 3.71 -4.22
CA GLN A 56 20.93 3.71 -5.67
C GLN A 56 20.95 2.28 -6.22
N ILE A 57 20.20 2.09 -7.31
CA ILE A 57 20.37 0.95 -8.19
C ILE A 57 20.58 1.45 -9.63
N GLY A 58 21.18 0.59 -10.46
CA GLY A 58 21.37 0.88 -11.89
C GLY A 58 22.42 1.93 -12.27
N GLU A 59 23.47 2.06 -11.44
CA GLU A 59 24.59 2.96 -11.78
C GLU A 59 25.12 2.65 -13.18
N LYS A 60 25.29 1.38 -13.47
CA LYS A 60 25.91 0.97 -14.74
C LYS A 60 25.08 1.37 -15.95
N VAL A 61 23.79 1.02 -15.92
CA VAL A 61 22.94 1.20 -17.09
C VAL A 61 22.38 2.64 -17.17
N THR A 62 22.24 3.30 -16.02
CA THR A 62 21.62 4.64 -16.02
C THR A 62 22.56 5.80 -15.68
N ARG A 63 23.77 5.49 -15.18
CA ARG A 63 24.71 6.53 -14.71
C ARG A 63 24.12 7.45 -13.63
N GLY A 64 23.09 6.98 -12.92
CA GLY A 64 22.45 7.76 -11.89
C GLY A 64 21.45 8.79 -12.39
N LEU A 65 21.17 8.75 -13.70
CA LEU A 65 20.28 9.74 -14.33
C LEU A 65 18.82 9.28 -14.47
N GLY A 66 18.45 8.19 -13.81
CA GLY A 66 17.09 7.67 -13.93
C GLY A 66 16.89 6.70 -15.09
N ALA A 67 15.69 6.10 -15.14
CA ALA A 67 15.35 5.05 -16.10
C ALA A 67 14.63 5.55 -17.35
N GLY A 68 14.46 6.87 -17.47
CA GLY A 68 13.81 7.43 -18.67
C GLY A 68 12.39 6.89 -18.92
N ALA A 69 11.73 6.52 -17.82
CA ALA A 69 10.36 5.97 -17.82
C ALA A 69 10.25 4.60 -18.50
N LYS A 70 11.39 3.90 -18.64
CA LYS A 70 11.39 2.60 -19.29
C LYS A 70 11.46 1.47 -18.24
N PRO A 71 10.36 0.70 -18.09
CA PRO A 71 10.38 -0.40 -17.13
C PRO A 71 11.51 -1.40 -17.38
N GLU A 72 11.94 -1.60 -18.63
CA GLU A 72 12.98 -2.60 -18.88
C GLU A 72 14.29 -2.15 -18.20
N VAL A 73 14.50 -0.84 -18.21
CA VAL A 73 15.64 -0.25 -17.56
C VAL A 73 15.56 -0.34 -16.03
N GLY A 74 14.39 -0.07 -15.44
CA GLY A 74 14.20 -0.29 -13.99
C GLY A 74 14.47 -1.76 -13.62
N GLU A 75 14.01 -2.68 -14.47
CA GLU A 75 14.24 -4.12 -14.22
C GLU A 75 15.73 -4.44 -14.23
N GLU A 76 16.43 -3.96 -15.26
CA GLU A 76 17.85 -4.23 -15.38
C GLU A 76 18.63 -3.62 -14.22
N ALA A 77 18.22 -2.42 -13.80
CA ALA A 77 18.86 -1.76 -12.68
C ALA A 77 18.78 -2.64 -11.44
N ALA A 78 17.60 -3.17 -11.17
CA ALA A 78 17.41 -3.98 -9.98
C ALA A 78 18.17 -5.31 -10.07
N LEU A 79 18.20 -5.91 -11.25
CA LEU A 79 18.89 -7.20 -11.45
C LEU A 79 20.39 -7.04 -11.28
N GLU A 80 20.94 -5.97 -11.85
CA GLU A 80 22.39 -5.76 -11.73
C GLU A 80 22.81 -5.55 -10.28
N ASP A 81 21.95 -4.89 -9.52
CA ASP A 81 22.24 -4.54 -8.14
C ASP A 81 21.44 -5.38 -7.16
N ILE A 82 21.06 -6.59 -7.59
CA ILE A 82 20.25 -7.48 -6.74
C ILE A 82 20.96 -7.78 -5.41
N ASP A 83 22.30 -7.74 -5.41
CA ASP A 83 23.07 -7.88 -4.15
C ASP A 83 22.79 -6.79 -3.12
N LYS A 84 22.65 -5.55 -3.58
CA LYS A 84 22.27 -4.42 -2.70
C LYS A 84 20.89 -4.62 -2.09
N ILE A 85 19.98 -5.14 -2.91
CA ILE A 85 18.60 -5.34 -2.51
C ILE A 85 18.58 -6.46 -1.46
N LYS A 86 19.28 -7.57 -1.73
CA LYS A 86 19.36 -8.67 -0.76
C LYS A 86 19.91 -8.21 0.59
N GLU A 87 20.94 -7.35 0.54
CA GLU A 87 21.54 -6.77 1.75
C GLU A 87 20.53 -6.05 2.64
N ILE A 88 19.75 -5.17 2.04
CA ILE A 88 18.79 -4.42 2.85
C ILE A 88 17.65 -5.29 3.41
N LEU A 89 17.37 -6.41 2.72
CA LEU A 89 16.28 -7.32 3.09
C LEU A 89 16.65 -8.35 4.16
N ARG A 90 17.94 -8.50 4.45
CA ARG A 90 18.36 -9.41 5.52
C ARG A 90 17.66 -9.03 6.82
N ASP A 91 17.31 -10.05 7.61
CA ASP A 91 16.74 -9.82 8.96
C ASP A 91 15.42 -9.06 8.93
N THR A 92 14.49 -9.55 8.12
CA THR A 92 13.22 -8.86 7.85
C THR A 92 12.07 -9.86 7.91
N ASP A 93 11.03 -9.52 8.66
CA ASP A 93 9.78 -10.31 8.72
C ASP A 93 8.78 -9.91 7.64
N MET A 94 8.66 -8.60 7.41
CA MET A 94 7.66 -8.09 6.46
C MET A 94 8.25 -6.89 5.75
N VAL A 95 7.96 -6.78 4.46
CA VAL A 95 8.34 -5.62 3.69
C VAL A 95 7.14 -5.10 2.89
N PHE A 96 6.99 -3.78 2.89
CA PHE A 96 6.07 -3.09 2.01
C PHE A 96 6.90 -2.54 0.87
N ILE A 97 6.47 -2.82 -0.35
CA ILE A 97 7.19 -2.34 -1.53
C ILE A 97 6.29 -1.31 -2.18
N SER A 98 6.63 -0.04 -1.96
CA SER A 98 5.78 1.07 -2.40
C SER A 98 6.27 1.56 -3.75
N ALA A 99 5.40 1.54 -4.76
CA ALA A 99 5.77 2.03 -6.08
C ALA A 99 4.60 2.72 -6.75
N GLY A 100 4.88 3.77 -7.52
CA GLY A 100 3.92 4.40 -8.42
C GLY A 100 4.10 3.73 -9.78
N LEU A 101 3.16 2.87 -10.16
CA LEU A 101 3.27 2.17 -11.42
C LEU A 101 2.99 3.11 -12.59
N GLY A 102 3.72 2.87 -13.68
CA GLY A 102 3.56 3.71 -14.87
C GLY A 102 4.81 4.46 -15.29
N GLY A 103 5.83 4.46 -14.43
CA GLY A 103 7.14 5.04 -14.75
C GLY A 103 8.10 3.92 -15.12
N GLY A 104 9.39 4.19 -14.96
CA GLY A 104 10.39 3.18 -15.31
C GLY A 104 10.91 2.39 -14.13
N THR A 105 11.34 3.11 -13.10
CA THR A 105 12.02 2.50 -11.98
C THR A 105 11.05 1.70 -11.12
N GLY A 106 9.95 2.32 -10.71
CA GLY A 106 8.94 1.60 -9.92
C GLY A 106 8.41 0.40 -10.69
N THR A 107 7.94 0.64 -11.89
CA THR A 107 7.31 -0.40 -12.72
C THR A 107 8.28 -1.57 -12.93
N GLY A 108 9.54 -1.24 -13.25
CA GLY A 108 10.52 -2.26 -13.64
C GLY A 108 11.20 -2.96 -12.46
N ALA A 109 11.56 -2.17 -11.44
CA ALA A 109 12.33 -2.72 -10.31
C ALA A 109 11.46 -3.33 -9.21
N ALA A 110 10.23 -2.82 -9.04
CA ALA A 110 9.39 -3.32 -7.94
C ALA A 110 9.20 -4.87 -7.98
N PRO A 111 8.89 -5.46 -9.16
CA PRO A 111 8.75 -6.94 -9.25
C PRO A 111 10.03 -7.69 -8.84
N VAL A 112 11.19 -7.14 -9.21
CA VAL A 112 12.47 -7.75 -8.87
C VAL A 112 12.71 -7.74 -7.36
N ILE A 113 12.46 -6.59 -6.75
CA ILE A 113 12.64 -6.42 -5.31
C ILE A 113 11.65 -7.33 -4.57
N ALA A 114 10.38 -7.31 -5.01
CA ALA A 114 9.35 -8.15 -4.40
C ALA A 114 9.72 -9.65 -4.49
N LYS A 115 10.19 -10.09 -5.65
CA LYS A 115 10.53 -11.49 -5.82
C LYS A 115 11.68 -11.88 -4.89
N THR A 116 12.68 -11.02 -4.81
CA THR A 116 13.83 -11.20 -3.95
C THR A 116 13.35 -11.41 -2.51
N ALA A 117 12.49 -10.52 -2.03
CA ALA A 117 12.00 -10.59 -0.65
C ALA A 117 11.21 -11.88 -0.43
N LYS A 118 10.31 -12.19 -1.37
CA LYS A 118 9.41 -13.34 -1.18
C LYS A 118 10.22 -14.65 -1.13
N GLU A 119 11.24 -14.76 -1.98
CA GLU A 119 12.14 -15.94 -1.96
C GLU A 119 12.97 -16.04 -0.67
N MET A 120 13.10 -14.94 0.05
CA MET A 120 13.76 -14.94 1.35
C MET A 120 12.76 -15.21 2.47
N GLY A 121 11.52 -15.52 2.09
CA GLY A 121 10.43 -15.85 3.02
C GLY A 121 9.81 -14.68 3.77
N ILE A 122 10.18 -13.47 3.37
CA ILE A 122 9.62 -12.25 3.97
C ILE A 122 8.18 -12.10 3.50
N LEU A 123 7.29 -11.71 4.41
CA LEU A 123 5.91 -11.43 3.99
C LEU A 123 5.99 -10.18 3.09
N THR A 124 5.59 -10.34 1.83
CA THR A 124 5.87 -9.34 0.79
C THR A 124 4.60 -8.67 0.31
N VAL A 125 4.42 -7.44 0.73
CA VAL A 125 3.22 -6.66 0.41
C VAL A 125 3.58 -5.48 -0.50
N ALA A 126 3.16 -5.55 -1.76
CA ALA A 126 3.31 -4.40 -2.65
C ALA A 126 2.18 -3.42 -2.35
N VAL A 127 2.52 -2.14 -2.45
CA VAL A 127 1.57 -1.07 -2.36
C VAL A 127 1.78 -0.25 -3.62
N ALA A 128 0.89 -0.48 -4.60
CA ALA A 128 1.11 -0.01 -5.96
C ALA A 128 0.00 0.94 -6.35
N THR A 129 0.36 2.10 -6.89
CA THR A 129 -0.64 2.98 -7.46
C THR A 129 -0.72 2.84 -8.98
N LEU A 130 -1.93 3.04 -9.50
CA LEU A 130 -2.17 3.26 -10.93
C LEU A 130 -2.42 4.76 -11.19
N PRO A 131 -1.88 5.28 -12.32
CA PRO A 131 -1.87 6.73 -12.54
C PRO A 131 -3.24 7.40 -12.70
N PHE A 132 -3.25 8.70 -12.43
CA PHE A 132 -4.38 9.58 -12.72
C PHE A 132 -4.73 9.58 -14.22
N ARG A 133 -5.99 9.86 -14.53
CA ARG A 133 -6.36 10.01 -15.93
C ARG A 133 -5.53 11.10 -16.62
N PHE A 134 -5.17 12.17 -15.89
CA PHE A 134 -4.39 13.28 -16.49
C PHE A 134 -2.98 12.89 -16.95
N GLU A 135 -2.56 11.68 -16.55
CA GLU A 135 -1.22 11.19 -16.89
C GLU A 135 -1.19 10.44 -18.21
N GLY A 136 -2.36 10.21 -18.80
CA GLY A 136 -2.43 9.67 -20.13
C GLY A 136 -2.54 8.16 -20.22
N PRO A 137 -2.93 7.68 -21.40
CA PRO A 137 -3.21 6.27 -21.69
C PRO A 137 -1.95 5.38 -21.62
N ARG A 138 -0.82 5.92 -22.03
CA ARG A 138 0.42 5.13 -22.11
C ARG A 138 1.00 4.75 -20.73
N LYS A 139 0.97 5.70 -19.81
CA LYS A 139 1.37 5.43 -18.43
C LYS A 139 0.46 4.37 -17.82
N MET A 140 -0.85 4.43 -18.08
CA MET A 140 -1.73 3.37 -17.58
C MET A 140 -1.40 1.99 -18.15
N GLU A 141 -1.16 1.91 -19.46
CA GLU A 141 -0.76 0.65 -20.10
C GLU A 141 0.50 0.05 -19.43
N LYS A 142 1.52 0.90 -19.27
CA LYS A 142 2.78 0.49 -18.66
C LYS A 142 2.53 -0.02 -17.24
N ALA A 143 1.68 0.70 -16.51
CA ALA A 143 1.37 0.38 -15.11
C ALA A 143 0.77 -1.01 -15.00
N LEU A 144 -0.19 -1.30 -15.87
CA LEU A 144 -0.91 -2.57 -15.84
C LEU A 144 -0.01 -3.76 -16.25
N LYS A 145 0.81 -3.54 -17.26
CA LYS A 145 1.80 -4.50 -17.66
C LYS A 145 2.78 -4.82 -16.50
N GLY A 146 3.27 -3.77 -15.82
CA GLY A 146 4.12 -3.96 -14.67
C GLY A 146 3.40 -4.64 -13.52
N LEU A 147 2.14 -4.29 -13.32
CA LEU A 147 1.34 -4.90 -12.25
C LEU A 147 1.24 -6.42 -12.45
N GLU A 148 1.13 -6.84 -13.70
CA GLU A 148 1.06 -8.28 -14.00
C GLU A 148 2.34 -9.03 -13.57
N LYS A 149 3.50 -8.37 -13.64
CA LYS A 149 4.74 -8.94 -13.15
C LYS A 149 4.85 -8.86 -11.62
N LEU A 150 4.38 -7.74 -11.07
CA LEU A 150 4.49 -7.48 -9.63
C LEU A 150 3.66 -8.50 -8.85
N LYS A 151 2.48 -8.84 -9.39
CA LYS A 151 1.62 -9.83 -8.74
C LYS A 151 2.27 -11.22 -8.62
N GLU A 152 3.09 -11.59 -9.60
CA GLU A 152 3.78 -12.87 -9.56
C GLU A 152 4.79 -12.93 -8.41
N SER A 153 5.25 -11.77 -7.98
CA SER A 153 6.38 -11.60 -7.07
C SER A 153 5.98 -11.30 -5.62
N SER A 154 4.68 -11.16 -5.35
CA SER A 154 4.17 -10.62 -4.08
C SER A 154 3.24 -11.58 -3.34
N ASP A 155 3.20 -11.48 -2.00
CA ASP A 155 2.21 -12.20 -1.23
C ASP A 155 0.86 -11.59 -1.51
N ALA A 156 0.80 -10.28 -1.28
CA ALA A 156 -0.38 -9.47 -1.50
C ALA A 156 0.07 -8.20 -2.19
N TYR A 157 -0.75 -7.74 -3.13
CA TYR A 157 -0.48 -6.49 -3.83
C TYR A 157 -1.68 -5.60 -3.70
N ILE A 158 -1.51 -4.56 -2.87
CA ILE A 158 -2.54 -3.55 -2.68
C ILE A 158 -2.48 -2.62 -3.89
N VAL A 159 -3.60 -2.51 -4.61
CA VAL A 159 -3.64 -1.70 -5.84
C VAL A 159 -4.57 -0.51 -5.58
N ILE A 160 -4.03 0.69 -5.74
CA ILE A 160 -4.79 1.90 -5.46
C ILE A 160 -4.79 2.73 -6.74
N HIS A 161 -5.99 3.10 -7.20
CA HIS A 161 -6.12 3.86 -8.43
C HIS A 161 -6.20 5.35 -8.08
N ASN A 162 -5.24 6.15 -8.56
CA ASN A 162 -5.17 7.56 -8.15
C ASN A 162 -6.44 8.37 -8.42
N ASP A 163 -7.18 8.01 -9.47
CA ASP A 163 -8.47 8.66 -9.76
C ASP A 163 -9.51 8.47 -8.64
N LYS A 164 -9.48 7.32 -7.97
CA LYS A 164 -10.36 7.08 -6.81
C LYS A 164 -10.00 7.97 -5.63
N ILE A 165 -8.71 8.19 -5.45
CA ILE A 165 -8.24 9.07 -4.40
C ILE A 165 -8.79 10.46 -4.63
N LYS A 166 -8.62 10.93 -5.87
CA LYS A 166 -9.08 12.24 -6.33
C LYS A 166 -10.53 12.51 -5.86
N GLU A 167 -11.41 11.52 -6.07
CA GLU A 167 -12.81 11.53 -5.61
C GLU A 167 -13.09 11.76 -4.10
N LEU A 168 -12.18 11.34 -3.24
CA LEU A 168 -12.37 11.31 -1.78
C LEU A 168 -11.87 12.56 -1.08
N SER A 169 -11.30 13.50 -1.83
CA SER A 169 -10.77 14.69 -1.18
C SER A 169 -11.13 15.91 -2.00
N ASN A 170 -10.76 17.08 -1.46
CA ASN A 170 -11.01 18.34 -2.13
C ASN A 170 -10.35 18.38 -3.51
N ARG A 171 -11.01 19.08 -4.43
CA ARG A 171 -10.38 19.45 -5.69
C ARG A 171 -8.99 20.05 -5.43
N THR A 172 -8.00 19.60 -6.20
CA THR A 172 -6.65 20.18 -6.11
C THR A 172 -6.33 20.99 -7.37
N LEU A 173 -5.49 22.01 -7.20
CA LEU A 173 -5.23 22.97 -8.28
C LEU A 173 -3.80 22.87 -8.84
N THR A 174 -2.95 22.14 -8.12
CA THR A 174 -1.57 21.85 -8.51
C THR A 174 -1.34 20.33 -8.54
N ILE A 175 -0.46 19.89 -9.43
CA ILE A 175 -0.10 18.46 -9.53
C ILE A 175 0.62 18.04 -8.25
N LYS A 176 1.45 18.94 -7.72
CA LYS A 176 2.00 18.81 -6.39
C LYS A 176 0.96 18.43 -5.34
N ASP A 177 -0.16 19.17 -5.26
CA ASP A 177 -1.17 18.86 -4.26
C ASP A 177 -1.94 17.57 -4.56
N ALA A 178 -2.15 17.27 -5.85
CA ALA A 178 -2.78 16.00 -6.23
C ALA A 178 -1.97 14.85 -5.67
N PHE A 179 -0.66 14.91 -5.84
CA PHE A 179 0.19 13.79 -5.37
C PHE A 179 0.37 13.79 -3.86
N LYS A 180 0.28 14.96 -3.24
CA LYS A 180 0.39 15.02 -1.79
C LYS A 180 -0.75 14.22 -1.14
N GLU A 181 -1.95 14.29 -1.72
CA GLU A 181 -3.08 13.51 -1.22
C GLU A 181 -2.88 12.01 -1.44
N VAL A 182 -2.35 11.65 -2.59
CA VAL A 182 -1.93 10.25 -2.82
C VAL A 182 -0.95 9.81 -1.72
N ASP A 183 0.11 10.60 -1.47
CA ASP A 183 1.11 10.26 -0.42
C ASP A 183 0.39 10.07 0.91
N SER A 184 -0.54 10.97 1.21
CA SER A 184 -1.27 10.92 2.50
C SER A 184 -1.99 9.59 2.68
N VAL A 185 -2.65 9.17 1.61
CA VAL A 185 -3.48 7.99 1.66
C VAL A 185 -2.60 6.74 1.80
N LEU A 186 -1.55 6.68 0.98
CA LEU A 186 -0.59 5.56 1.04
C LEU A 186 0.01 5.45 2.44
N SER A 187 0.35 6.61 3.01
CA SER A 187 0.95 6.65 4.33
C SER A 187 -0.04 6.14 5.38
N LYS A 188 -1.27 6.61 5.33
CA LYS A 188 -2.32 6.07 6.23
C LYS A 188 -2.49 4.54 6.07
N ALA A 189 -2.46 4.06 4.82
CA ALA A 189 -2.71 2.63 4.55
C ALA A 189 -1.62 1.77 5.19
N VAL A 190 -0.38 2.18 4.98
CA VAL A 190 0.77 1.44 5.50
C VAL A 190 0.87 1.59 7.02
N ARG A 191 0.84 2.83 7.52
CA ARG A 191 0.94 3.07 9.00
C ARG A 191 -0.20 2.35 9.73
N GLY A 192 -1.35 2.24 9.07
CA GLY A 192 -2.48 1.49 9.62
C GLY A 192 -2.12 0.05 9.96
N ILE A 193 -1.30 -0.56 9.12
CA ILE A 193 -0.89 -1.96 9.30
C ILE A 193 0.30 -2.05 10.26
N THR A 194 1.33 -1.24 10.05
CA THR A 194 2.55 -1.38 10.86
C THR A 194 2.29 -1.06 12.33
N SER A 195 1.49 -0.02 12.57
CA SER A 195 1.34 0.52 13.93
C SER A 195 0.61 -0.45 14.86
N ILE A 196 -0.25 -1.30 14.30
CA ILE A 196 -0.94 -2.29 15.15
C ILE A 196 -0.08 -3.53 15.44
N VAL A 197 1.08 -3.58 14.79
CA VAL A 197 2.02 -4.66 15.01
C VAL A 197 3.22 -4.21 15.86
N VAL A 198 3.85 -3.11 15.46
CA VAL A 198 5.17 -2.74 16.01
C VAL A 198 5.18 -1.55 16.98
N THR A 199 4.02 -0.99 17.31
CA THR A 199 3.94 0.03 18.35
C THR A 199 3.00 -0.42 19.48
N PRO A 200 3.11 0.21 20.67
CA PRO A 200 2.13 -0.15 21.70
C PRO A 200 0.78 0.49 21.35
N ALA A 201 -0.09 -0.30 20.75
CA ALA A 201 -1.34 0.20 20.16
C ALA A 201 -2.50 0.02 21.13
N VAL A 202 -3.68 0.50 20.73
CA VAL A 202 -4.90 0.31 21.52
C VAL A 202 -5.26 -1.18 21.58
N ILE A 203 -5.35 -1.82 20.41
CA ILE A 203 -5.41 -3.27 20.32
C ILE A 203 -4.38 -3.70 19.29
N ASN A 204 -3.35 -4.40 19.76
CA ASN A 204 -2.30 -4.90 18.88
C ASN A 204 -2.78 -6.16 18.24
N VAL A 205 -2.24 -6.46 17.07
CA VAL A 205 -2.40 -7.79 16.48
C VAL A 205 -1.02 -8.47 16.41
N ASP A 206 -0.96 -9.80 16.44
CA ASP A 206 0.34 -10.47 16.32
C ASP A 206 0.80 -10.41 14.87
N PHE A 207 2.11 -10.29 14.64
CA PHE A 207 2.61 -10.44 13.28
C PHE A 207 2.12 -11.76 12.65
N ALA A 208 2.12 -12.83 13.45
CA ALA A 208 1.66 -14.13 12.94
C ALA A 208 0.27 -14.04 12.30
N ASP A 209 -0.61 -13.23 12.89
CA ASP A 209 -1.95 -12.97 12.33
C ASP A 209 -1.91 -12.14 11.04
N VAL A 210 -1.04 -11.14 10.98
CA VAL A 210 -0.88 -10.36 9.74
C VAL A 210 -0.40 -11.30 8.62
N ARG A 211 0.55 -12.17 8.94
CA ARG A 211 1.03 -13.13 7.95
C ARG A 211 -0.12 -14.05 7.50
N THR A 212 -0.88 -14.60 8.41
CA THR A 212 -1.92 -15.54 7.95
C THR A 212 -3.02 -14.85 7.11
N THR A 213 -3.22 -13.56 7.38
CA THR A 213 -4.21 -12.79 6.67
C THR A 213 -3.75 -12.45 5.25
N LEU A 214 -2.48 -12.06 5.09
CA LEU A 214 -1.97 -11.51 3.81
C LEU A 214 -1.12 -12.47 2.98
N GLU A 215 -0.59 -13.53 3.61
CA GLU A 215 0.24 -14.49 2.87
C GLU A 215 -0.50 -15.06 1.67
N GLU A 216 0.09 -14.95 0.48
CA GLU A 216 -0.53 -15.44 -0.76
C GLU A 216 -1.95 -14.91 -1.01
N GLY A 217 -2.23 -13.72 -0.49
CA GLY A 217 -3.54 -13.09 -0.62
C GLY A 217 -3.86 -12.67 -2.06
N GLY A 218 -2.82 -12.30 -2.81
CA GLY A 218 -3.01 -11.79 -4.19
C GLY A 218 -3.54 -10.37 -4.18
N LEU A 219 -4.42 -10.08 -5.15
CA LEU A 219 -4.98 -8.76 -5.30
C LEU A 219 -5.61 -8.29 -4.00
N SER A 220 -5.24 -7.07 -3.60
CA SER A 220 -5.78 -6.49 -2.37
C SER A 220 -6.30 -5.09 -2.62
N ILE A 221 -7.41 -4.77 -1.94
CA ILE A 221 -8.10 -3.50 -2.15
C ILE A 221 -8.38 -2.88 -0.81
N ILE A 222 -8.12 -1.58 -0.70
CA ILE A 222 -8.34 -0.87 0.55
C ILE A 222 -9.54 0.07 0.44
N GLY A 223 -10.27 0.18 1.54
CA GLY A 223 -11.32 1.19 1.68
C GLY A 223 -11.18 1.78 3.08
N MET A 224 -11.34 3.10 3.19
CA MET A 224 -11.31 3.77 4.49
C MET A 224 -12.51 4.65 4.68
N GLY A 225 -12.96 4.79 5.92
CA GLY A 225 -14.06 5.69 6.22
C GLY A 225 -13.97 6.24 7.62
N GLU A 226 -14.32 7.52 7.76
CA GLU A 226 -14.36 8.19 9.05
C GLU A 226 -15.78 8.24 9.60
N GLY A 227 -15.88 8.11 10.93
CA GLY A 227 -17.13 8.22 11.65
C GLY A 227 -16.92 9.10 12.87
N ARG A 228 -17.83 10.06 13.06
CA ARG A 228 -17.78 10.94 14.22
C ARG A 228 -19.14 10.90 14.90
N GLY A 229 -19.16 11.30 16.18
CA GLY A 229 -20.40 11.36 16.93
C GLY A 229 -21.06 10.03 17.23
N ASP A 230 -22.33 10.11 17.59
CA ASP A 230 -23.04 8.99 18.22
C ASP A 230 -23.12 7.68 17.40
N GLU A 231 -23.24 7.78 16.06
CA GLU A 231 -23.29 6.55 15.24
C GLU A 231 -22.00 6.30 14.46
N LYS A 232 -20.88 6.75 15.01
CA LYS A 232 -19.58 6.65 14.33
C LYS A 232 -19.22 5.28 13.75
N ALA A 233 -19.61 4.20 14.44
CA ALA A 233 -19.30 2.83 14.00
C ALA A 233 -19.98 2.51 12.67
N ASP A 234 -21.31 2.61 12.67
CA ASP A 234 -22.11 2.43 11.46
C ASP A 234 -21.61 3.33 10.33
N ILE A 235 -21.44 4.63 10.61
CA ILE A 235 -21.00 5.60 9.59
C ILE A 235 -19.63 5.22 8.96
N ALA A 236 -18.63 4.96 9.81
CA ALA A 236 -17.28 4.64 9.33
C ALA A 236 -17.23 3.33 8.54
N VAL A 237 -17.93 2.31 9.02
CA VAL A 237 -17.90 1.01 8.34
C VAL A 237 -18.59 1.10 6.99
N GLU A 238 -19.72 1.79 6.95
CA GLU A 238 -20.43 2.00 5.69
C GLU A 238 -19.55 2.76 4.68
N LYS A 239 -18.94 3.85 5.11
CA LYS A 239 -18.03 4.59 4.26
C LYS A 239 -16.85 3.73 3.78
N ALA A 240 -16.26 2.96 4.69
CA ALA A 240 -15.09 2.16 4.32
C ALA A 240 -15.43 1.07 3.31
N VAL A 241 -16.51 0.33 3.53
CA VAL A 241 -16.88 -0.75 2.60
C VAL A 241 -17.30 -0.19 1.23
N THR A 242 -17.89 1.00 1.22
CA THR A 242 -18.40 1.57 -0.04
C THR A 242 -17.44 2.54 -0.74
N SER A 243 -16.24 2.70 -0.18
CA SER A 243 -15.25 3.61 -0.76
C SER A 243 -13.96 2.88 -1.14
N PRO A 244 -14.04 1.80 -1.95
CA PRO A 244 -12.78 1.14 -2.26
C PRO A 244 -11.91 2.03 -3.14
N LEU A 245 -10.59 1.92 -3.00
CA LEU A 245 -9.67 2.73 -3.82
C LEU A 245 -9.36 2.11 -5.19
N LEU A 246 -10.13 1.09 -5.52
CA LEU A 246 -10.03 0.38 -6.78
C LEU A 246 -11.40 -0.23 -7.04
N GLU A 247 -11.93 0.10 -8.20
CA GLU A 247 -13.26 -0.41 -8.59
C GLU A 247 -13.20 -1.84 -9.11
N GLY A 248 -14.37 -2.46 -9.20
CA GLY A 248 -14.51 -3.68 -9.99
C GLY A 248 -14.38 -4.97 -9.23
N ASN A 249 -14.28 -4.88 -7.89
CA ASN A 249 -14.22 -6.07 -7.03
C ASN A 249 -14.62 -5.68 -5.61
N THR A 250 -15.91 -5.83 -5.29
CA THR A 250 -16.43 -5.27 -4.02
C THR A 250 -15.75 -5.92 -2.81
N ILE A 251 -15.47 -5.10 -1.80
CA ILE A 251 -14.84 -5.55 -0.54
C ILE A 251 -15.63 -6.70 0.10
N GLU A 252 -16.95 -6.68 -0.06
CA GLU A 252 -17.81 -7.76 0.46
C GLU A 252 -17.59 -9.14 -0.18
N GLY A 253 -16.68 -9.21 -1.16
CA GLY A 253 -16.30 -10.51 -1.74
C GLY A 253 -15.01 -11.15 -1.22
N ALA A 254 -14.19 -10.37 -0.53
CA ALA A 254 -12.86 -10.86 -0.09
C ALA A 254 -12.99 -11.93 1.01
N ARG A 255 -12.12 -12.95 0.98
CA ARG A 255 -12.16 -14.03 1.99
C ARG A 255 -11.27 -13.79 3.22
N ARG A 256 -10.37 -12.83 3.12
CA ARG A 256 -9.49 -12.45 4.23
C ARG A 256 -9.37 -10.93 4.27
N LEU A 257 -9.50 -10.37 5.46
CA LEU A 257 -9.42 -8.93 5.63
C LEU A 257 -8.65 -8.53 6.87
N LEU A 258 -7.97 -7.40 6.77
CA LEU A 258 -7.23 -6.81 7.87
C LEU A 258 -7.82 -5.43 8.11
N VAL A 259 -8.35 -5.22 9.31
CA VAL A 259 -9.05 -3.97 9.62
C VAL A 259 -8.29 -3.25 10.71
N THR A 260 -8.02 -1.97 10.45
CA THR A 260 -7.46 -1.09 11.47
C THR A 260 -8.49 -0.05 11.86
N ILE A 261 -8.77 0.03 13.16
CA ILE A 261 -9.66 1.05 13.67
C ILE A 261 -8.80 2.12 14.36
N TRP A 262 -8.69 3.27 13.72
CA TRP A 262 -8.00 4.44 14.32
C TRP A 262 -9.01 5.05 15.26
N THR A 263 -8.59 5.32 16.50
CA THR A 263 -9.47 5.94 17.50
C THR A 263 -8.85 7.20 18.09
N SER A 264 -9.66 8.23 18.28
CA SER A 264 -9.23 9.36 19.08
C SER A 264 -9.10 8.87 20.54
N GLU A 265 -8.35 9.62 21.34
CA GLU A 265 -8.02 9.18 22.69
C GLU A 265 -9.22 9.03 23.60
N ASP A 266 -10.28 9.76 23.29
CA ASP A 266 -11.49 9.74 24.11
C ASP A 266 -12.43 8.56 23.77
N ILE A 267 -12.07 7.77 22.77
CA ILE A 267 -12.94 6.64 22.39
C ILE A 267 -12.40 5.37 23.04
N PRO A 268 -13.23 4.66 23.83
CA PRO A 268 -12.70 3.44 24.45
C PRO A 268 -12.53 2.31 23.44
N TYR A 269 -11.69 1.33 23.78
CA TYR A 269 -11.36 0.28 22.83
C TYR A 269 -12.56 -0.53 22.43
N ASP A 270 -13.61 -0.59 23.27
CA ASP A 270 -14.71 -1.50 22.95
C ASP A 270 -15.60 -1.00 21.82
N ILE A 271 -15.25 0.16 21.24
CA ILE A 271 -15.86 0.57 19.98
C ILE A 271 -15.61 -0.54 18.96
N VAL A 272 -14.54 -1.29 19.15
CA VAL A 272 -14.22 -2.41 18.24
C VAL A 272 -15.33 -3.46 18.16
N ASP A 273 -16.10 -3.62 19.23
CA ASP A 273 -17.23 -4.56 19.24
C ASP A 273 -18.23 -4.26 18.14
N GLU A 274 -18.77 -3.04 18.17
CA GLU A 274 -19.75 -2.61 17.18
C GLU A 274 -19.14 -2.59 15.78
N VAL A 275 -17.92 -2.09 15.66
CA VAL A 275 -17.26 -2.05 14.35
C VAL A 275 -17.19 -3.43 13.71
N MET A 276 -16.69 -4.41 14.46
CA MET A 276 -16.50 -5.76 13.92
C MET A 276 -17.83 -6.47 13.66
N GLU A 277 -18.84 -6.20 14.48
CA GLU A 277 -20.19 -6.68 14.16
C GLU A 277 -20.68 -6.13 12.82
N ARG A 278 -20.54 -4.81 12.64
CA ARG A 278 -20.99 -4.15 11.42
C ARG A 278 -20.20 -4.62 10.18
N ILE A 279 -18.88 -4.71 10.31
CA ILE A 279 -18.07 -5.20 9.19
C ILE A 279 -18.50 -6.62 8.81
N HIS A 280 -18.65 -7.49 9.81
CA HIS A 280 -19.03 -8.89 9.53
C HIS A 280 -20.40 -8.98 8.86
N SER A 281 -21.32 -8.11 9.27
CA SER A 281 -22.65 -8.09 8.66
C SER A 281 -22.61 -7.67 7.20
N LYS A 282 -21.64 -6.83 6.85
CA LYS A 282 -21.54 -6.24 5.51
C LYS A 282 -20.74 -7.12 4.56
N VAL A 283 -19.70 -7.77 5.07
CA VAL A 283 -18.79 -8.47 4.17
C VAL A 283 -19.13 -9.97 4.10
N HIS A 284 -18.24 -10.74 3.48
CA HIS A 284 -18.53 -12.15 3.21
C HIS A 284 -18.74 -12.92 4.52
N PRO A 285 -19.81 -13.75 4.59
CA PRO A 285 -20.09 -14.49 5.84
C PRO A 285 -18.96 -15.39 6.30
N GLU A 286 -18.12 -15.83 5.37
CA GLU A 286 -17.05 -16.76 5.67
C GLU A 286 -15.67 -16.07 5.76
N ALA A 287 -15.67 -14.74 5.63
CA ALA A 287 -14.43 -13.96 5.68
C ALA A 287 -13.68 -14.20 7.00
N GLU A 288 -12.36 -14.36 6.92
CA GLU A 288 -11.51 -14.41 8.10
C GLU A 288 -10.95 -13.03 8.32
N ILE A 289 -11.31 -12.40 9.42
CA ILE A 289 -10.97 -10.98 9.61
C ILE A 289 -10.18 -10.76 10.89
N ILE A 290 -9.02 -10.14 10.73
CA ILE A 290 -8.21 -9.74 11.89
C ILE A 290 -8.30 -8.22 12.02
N PHE A 291 -8.31 -7.73 13.26
CA PHE A 291 -8.43 -6.30 13.48
C PHE A 291 -7.58 -5.77 14.62
N GLY A 292 -7.12 -4.54 14.42
CA GLY A 292 -6.36 -3.85 15.46
C GLY A 292 -6.91 -2.45 15.62
N ALA A 293 -6.39 -1.74 16.61
CA ALA A 293 -6.87 -0.40 16.88
C ALA A 293 -5.66 0.42 17.31
N VAL A 294 -5.64 1.68 16.90
CA VAL A 294 -4.51 2.56 17.14
C VAL A 294 -4.99 4.02 17.29
N LEU A 295 -4.25 4.79 18.08
CA LEU A 295 -4.65 6.15 18.37
C LEU A 295 -4.49 7.06 17.15
N GLU A 296 -5.48 7.91 16.93
CA GLU A 296 -5.32 9.00 15.99
C GLU A 296 -5.17 10.25 16.82
N PRO A 297 -3.94 10.79 16.89
CA PRO A 297 -3.64 12.04 17.58
C PRO A 297 -4.47 13.19 17.00
N GLN A 298 -4.49 14.31 17.72
CA GLN A 298 -5.14 15.54 17.27
C GLN A 298 -6.61 15.34 16.88
N GLU A 299 -7.19 14.19 17.20
CA GLU A 299 -8.61 13.98 16.89
C GLU A 299 -9.45 13.90 18.15
N GLN A 300 -10.76 14.04 17.99
CA GLN A 300 -11.71 13.97 19.09
C GLN A 300 -12.99 13.35 18.58
N ASP A 301 -13.59 12.49 19.42
CA ASP A 301 -14.87 11.82 19.13
C ASP A 301 -14.87 11.19 17.74
N PHE A 302 -13.80 10.46 17.44
CA PHE A 302 -13.45 10.10 16.05
C PHE A 302 -12.98 8.66 15.96
N ILE A 303 -13.42 7.96 14.90
CA ILE A 303 -12.73 6.75 14.42
C ILE A 303 -12.51 6.79 12.90
N ARG A 304 -11.53 6.02 12.44
CA ARG A 304 -11.33 5.79 11.02
C ARG A 304 -11.21 4.28 10.88
N VAL A 305 -12.05 3.70 10.03
CA VAL A 305 -12.00 2.25 9.79
C VAL A 305 -11.31 2.08 8.46
N ALA A 306 -10.20 1.34 8.48
CA ALA A 306 -9.38 1.10 7.31
C ALA A 306 -9.41 -0.40 7.06
N ILE A 307 -9.92 -0.81 5.89
CA ILE A 307 -10.11 -2.21 5.58
C ILE A 307 -9.22 -2.61 4.42
N VAL A 308 -8.31 -3.55 4.66
CA VAL A 308 -7.50 -4.14 3.59
C VAL A 308 -8.12 -5.48 3.28
N ALA A 309 -8.71 -5.59 2.09
CA ALA A 309 -9.40 -6.78 1.65
C ALA A 309 -8.53 -7.57 0.68
N THR A 310 -8.44 -8.88 0.89
CA THR A 310 -7.59 -9.71 0.03
C THR A 310 -8.26 -11.09 -0.17
N ASP A 311 -7.59 -11.98 -0.92
CA ASP A 311 -8.09 -13.32 -1.17
C ASP A 311 -9.46 -13.24 -1.87
N PHE A 312 -9.50 -12.55 -3.00
CA PHE A 312 -10.74 -12.49 -3.80
C PHE A 312 -10.91 -13.74 -4.67
N PRO A 313 -12.19 -14.15 -4.92
CA PRO A 313 -12.50 -15.22 -5.89
C PRO A 313 -11.82 -15.02 -7.27
N GLU A 314 -11.80 -13.78 -7.77
CA GLU A 314 -11.16 -13.50 -9.05
C GLU A 314 -10.23 -12.31 -8.90
N GLU A 315 -9.01 -12.40 -9.42
CA GLU A 315 -8.09 -11.28 -9.31
C GLU A 315 -8.24 -10.32 -10.51
N LYS A 316 -9.39 -9.63 -10.48
CA LYS A 316 -9.79 -8.75 -11.54
C LYS A 316 -10.18 -7.42 -10.93
N PHE A 317 -10.20 -6.40 -11.78
CA PHE A 317 -10.64 -5.10 -11.31
C PHE A 317 -10.97 -4.21 -12.52
N GLN A 318 -11.43 -3.00 -12.23
CA GLN A 318 -11.79 -2.03 -13.24
C GLN A 318 -11.01 -0.76 -13.07
N VAL A 319 -10.52 -0.18 -14.18
CA VAL A 319 -9.95 1.17 -14.13
C VAL A 319 -10.59 2.00 -15.23
N GLY A 320 -11.34 3.03 -14.83
CA GLY A 320 -12.12 3.80 -15.79
C GLY A 320 -13.07 2.84 -16.48
N GLU A 321 -12.97 2.72 -17.80
CA GLU A 321 -13.88 1.86 -18.55
C GLU A 321 -13.29 0.48 -18.87
N LYS A 322 -12.03 0.27 -18.49
CA LYS A 322 -11.35 -0.99 -18.76
C LYS A 322 -11.54 -1.99 -17.62
N GLU A 323 -12.10 -3.16 -17.95
CA GLU A 323 -12.07 -4.32 -17.04
C GLU A 323 -10.74 -5.05 -17.23
N VAL A 324 -9.97 -5.13 -16.17
CA VAL A 324 -8.65 -5.72 -16.19
C VAL A 324 -8.67 -7.15 -15.65
N LYS A 325 -8.14 -8.07 -16.45
CA LYS A 325 -7.85 -9.43 -16.03
C LYS A 325 -6.44 -9.79 -16.49
N PHE A 326 -5.73 -10.58 -15.68
CA PHE A 326 -4.39 -11.01 -16.03
C PHE A 326 -4.42 -12.39 -16.71
N LYS A 327 -3.29 -12.80 -17.29
CA LYS A 327 -3.27 -14.03 -18.09
C LYS A 327 -3.49 -15.27 -17.23
N VAL A 328 -2.71 -15.39 -16.16
CA VAL A 328 -2.77 -16.55 -15.28
C VAL A 328 -2.58 -16.10 -13.83
N ILE A 329 -3.51 -16.49 -12.98
CA ILE A 329 -3.35 -16.33 -11.54
C ILE A 329 -2.68 -17.56 -10.92
N LYS A 330 -1.49 -17.35 -10.35
CA LYS A 330 -0.72 -18.42 -9.66
C LYS A 330 -1.56 -19.16 -8.60
PB GDP B . 9.81 6.18 -11.76
O1B GDP B . 10.46 5.87 -13.09
O2B GDP B . 10.72 7.00 -10.92
O3B GDP B . 9.32 4.94 -11.09
O3A GDP B . 8.53 7.09 -12.08
PA GDP B . 7.69 7.89 -10.96
O1A GDP B . 7.66 7.15 -9.65
O2A GDP B . 8.20 9.32 -10.87
O5' GDP B . 6.26 7.96 -11.63
C5' GDP B . 5.46 6.80 -11.72
C4' GDP B . 4.07 7.05 -11.17
O4' GDP B . 4.16 7.44 -9.80
C3' GDP B . 3.42 8.24 -11.87
O3' GDP B . 2.79 7.82 -13.08
C2' GDP B . 2.46 8.81 -10.83
O2' GDP B . 1.13 8.26 -10.92
C1' GDP B . 3.15 8.41 -9.53
N9 GDP B . 3.78 9.57 -8.85
C8 GDP B . 4.52 10.57 -9.39
N7 GDP B . 4.93 11.43 -8.43
C5 GDP B . 4.40 10.99 -7.26
C6 GDP B . 4.43 11.45 -5.87
O6 GDP B . 5.03 12.49 -5.56
N1 GDP B . 3.78 10.70 -4.97
C2 GDP B . 3.10 9.58 -5.28
N2 GDP B . 2.45 8.88 -4.31
N3 GDP B . 3.02 9.09 -6.54
C4 GDP B . 3.66 9.76 -7.56
#